data_6HQ2
#
_entry.id   6HQ2
#
_cell.length_a   92.470
_cell.length_b   92.470
_cell.length_c   74.120
_cell.angle_alpha   90.000
_cell.angle_beta   90.000
_cell.angle_gamma   90.000
#
_symmetry.space_group_name_H-M   'P 43 21 2'
#
loop_
_entity.id
_entity.type
_entity.pdbx_description
1 polymer 'EAL Enzyme Bd1971'
2 water water
#
_entity_poly.entity_id   1
_entity_poly.type   'polypeptide(L)'
_entity_poly.pdbx_seq_one_letter_code
;AAQSVDIHKDQIIFSEGDAGDCAYIIEKGRVLIYLTKDKEEIPLTILGEGEIFGEMALIDNQNRSASVRALEDVRLAIVT
KQQVLERVSTADKVVQLLMRVLLKRLRR
;
_entity_poly.pdbx_strand_id   A,B
#
# COMPACT_ATOMS: atom_id res chain seq x y z
N ALA A 1 -21.21 2.01 -10.36
CA ALA A 1 -21.99 0.77 -10.08
C ALA A 1 -21.05 -0.44 -10.11
N ALA A 2 -20.75 -1.03 -8.95
CA ALA A 2 -19.91 -2.23 -8.89
C ALA A 2 -20.59 -3.40 -9.62
N GLN A 3 -19.83 -4.25 -10.29
CA GLN A 3 -20.36 -5.36 -11.07
C GLN A 3 -19.69 -6.70 -10.70
N SER A 4 -20.40 -7.83 -10.86
CA SER A 4 -19.79 -9.16 -10.70
C SER A 4 -20.00 -10.05 -11.91
N VAL A 5 -19.11 -11.04 -12.10
CA VAL A 5 -19.23 -11.99 -13.19
C VAL A 5 -18.95 -13.40 -12.72
N ASP A 6 -19.62 -14.36 -13.37
CA ASP A 6 -19.34 -15.76 -13.17
C ASP A 6 -18.32 -16.21 -14.17
N ILE A 7 -17.35 -17.00 -13.72
CA ILE A 7 -16.46 -17.72 -14.65
C ILE A 7 -16.34 -19.21 -14.29
N HIS A 8 -16.41 -20.06 -15.29
CA HIS A 8 -16.50 -21.50 -15.06
C HIS A 8 -15.19 -22.17 -14.73
N LYS A 9 -15.31 -23.21 -13.95
CA LYS A 9 -14.19 -24.05 -13.58
C LYS A 9 -13.33 -24.32 -14.81
N ASP A 10 -12.02 -24.13 -14.65
CA ASP A 10 -10.94 -24.36 -15.68
C ASP A 10 -10.70 -23.29 -16.71
N GLN A 11 -11.57 -22.29 -16.74
CA GLN A 11 -11.31 -21.11 -17.56
C GLN A 11 -10.11 -20.33 -17.03
N ILE A 12 -9.32 -19.87 -17.96
CA ILE A 12 -8.27 -18.95 -17.72
C ILE A 12 -8.89 -17.58 -17.68
N ILE A 13 -8.76 -16.96 -16.53
CA ILE A 13 -9.34 -15.64 -16.27
C ILE A 13 -8.51 -14.57 -16.97
N PHE A 14 -7.18 -14.67 -16.83
CA PHE A 14 -6.24 -13.94 -17.68
C PHE A 14 -4.86 -14.64 -17.71
N SER A 15 -3.98 -14.22 -18.64
CA SER A 15 -2.67 -14.83 -18.82
C SER A 15 -1.49 -13.85 -18.66
N GLU A 16 -0.36 -14.37 -18.17
CA GLU A 16 0.97 -13.74 -18.27
C GLU A 16 1.03 -12.97 -19.56
N GLY A 17 1.21 -11.68 -19.48
CA GLY A 17 1.46 -10.88 -20.66
C GLY A 17 0.27 -10.04 -21.10
N ASP A 18 -0.95 -10.47 -20.77
CA ASP A 18 -2.15 -9.75 -21.20
C ASP A 18 -2.18 -8.31 -20.66
N ALA A 19 -2.79 -7.43 -21.44
CA ALA A 19 -3.12 -6.09 -21.01
C ALA A 19 -4.21 -6.20 -20.00
N GLY A 20 -4.22 -5.39 -18.95
CA GLY A 20 -5.34 -5.42 -18.02
C GLY A 20 -5.55 -4.12 -17.28
N ASP A 21 -6.80 -3.78 -17.00
CA ASP A 21 -7.15 -2.51 -16.37
C ASP A 21 -7.80 -2.61 -15.02
N CYS A 22 -8.16 -3.82 -14.62
CA CYS A 22 -9.03 -4.06 -13.47
C CYS A 22 -8.42 -5.14 -12.57
N ALA A 23 -8.89 -5.18 -11.32
CA ALA A 23 -8.56 -6.30 -10.41
C ALA A 23 -9.85 -7.06 -10.08
N TYR A 24 -9.71 -8.20 -9.43
CA TYR A 24 -10.87 -9.05 -9.09
C TYR A 24 -10.89 -9.49 -7.63
N ILE A 25 -12.05 -9.45 -7.01
CA ILE A 25 -12.20 -9.97 -5.67
C ILE A 25 -13.07 -11.20 -5.75
N ILE A 26 -12.61 -12.29 -5.15
CA ILE A 26 -13.30 -13.56 -5.24
C ILE A 26 -14.43 -13.56 -4.23
N GLU A 27 -15.64 -13.69 -4.75
CA GLU A 27 -16.84 -13.81 -3.94
C GLU A 27 -17.22 -15.24 -3.77
N LYS A 28 -16.85 -16.07 -4.73
CA LYS A 28 -17.15 -17.50 -4.69
C LYS A 28 -16.05 -18.24 -5.44
N GLY A 29 -15.64 -19.36 -4.87
CA GLY A 29 -14.73 -20.28 -5.53
C GLY A 29 -13.28 -19.99 -5.21
N ARG A 30 -12.39 -20.51 -6.05
CA ARG A 30 -10.94 -20.49 -5.83
C ARG A 30 -10.27 -20.41 -7.19
N VAL A 31 -9.08 -19.81 -7.21
CA VAL A 31 -8.27 -19.64 -8.44
C VAL A 31 -6.83 -19.98 -8.12
N LEU A 32 -6.12 -20.40 -9.16
CA LEU A 32 -4.69 -20.67 -9.10
C LEU A 32 -3.94 -19.60 -9.87
N ILE A 33 -3.06 -18.86 -9.18
CA ILE A 33 -2.10 -18.00 -9.88
C ILE A 33 -0.93 -18.86 -10.30
N TYR A 34 -0.58 -18.86 -11.58
CA TYR A 34 0.55 -19.65 -12.07
C TYR A 34 1.32 -18.93 -13.12
N LEU A 35 2.56 -19.35 -13.30
CA LEU A 35 3.35 -19.00 -14.46
C LEU A 35 3.44 -20.24 -15.30
N THR A 36 4.05 -20.09 -16.47
CA THR A 36 4.46 -21.25 -17.25
C THR A 36 5.85 -20.98 -17.86
N LYS A 37 6.70 -21.99 -17.81
CA LYS A 37 7.99 -21.98 -18.49
C LYS A 37 8.25 -23.37 -19.04
N ASP A 38 8.82 -23.43 -20.24
CA ASP A 38 9.09 -24.69 -20.94
C ASP A 38 7.85 -25.38 -21.49
N LYS A 39 6.65 -24.95 -21.13
CA LYS A 39 5.40 -25.65 -21.46
C LYS A 39 4.96 -26.33 -20.17
N GLU A 40 5.47 -25.82 -19.05
CA GLU A 40 5.27 -26.41 -17.72
C GLU A 40 4.58 -25.43 -16.75
N GLU A 41 3.48 -25.86 -16.16
CA GLU A 41 2.75 -25.06 -15.18
C GLU A 41 3.52 -24.99 -13.87
N ILE A 42 3.93 -23.80 -13.47
CA ILE A 42 4.56 -23.65 -12.18
C ILE A 42 3.66 -22.81 -11.26
N PRO A 43 2.91 -23.47 -10.37
CA PRO A 43 1.96 -22.78 -9.48
C PRO A 43 2.59 -21.89 -8.46
N LEU A 44 1.98 -20.76 -8.21
CA LEU A 44 2.49 -19.83 -7.21
C LEU A 44 1.58 -19.78 -6.00
N THR A 45 0.27 -19.65 -6.22
CA THR A 45 -0.66 -19.37 -5.14
C THR A 45 -2.08 -19.77 -5.47
N ILE A 46 -2.81 -20.17 -4.44
CA ILE A 46 -4.21 -20.48 -4.52
C ILE A 46 -4.92 -19.45 -3.69
N LEU A 47 -5.96 -18.89 -4.24
CA LEU A 47 -6.71 -17.82 -3.61
C LEU A 47 -8.13 -18.26 -3.56
N GLY A 48 -8.84 -17.85 -2.50
CA GLY A 48 -10.26 -18.20 -2.28
C GLY A 48 -11.07 -17.01 -1.84
N GLU A 49 -12.28 -17.25 -1.34
CA GLU A 49 -13.23 -16.16 -1.05
C GLU A 49 -12.58 -15.04 -0.25
N GLY A 50 -12.94 -13.80 -0.60
CA GLY A 50 -12.51 -12.62 0.16
C GLY A 50 -11.20 -12.07 -0.33
N GLU A 51 -10.54 -12.73 -1.29
CA GLU A 51 -9.23 -12.34 -1.74
C GLU A 51 -9.25 -11.68 -3.08
N ILE A 52 -8.22 -10.87 -3.29
CA ILE A 52 -8.09 -10.02 -4.49
C ILE A 52 -6.92 -10.53 -5.32
N PHE A 53 -7.05 -10.45 -6.63
CA PHE A 53 -5.91 -10.63 -7.50
C PHE A 53 -6.06 -9.72 -8.69
N GLY A 54 -5.00 -9.66 -9.48
CA GLY A 54 -4.93 -8.72 -10.59
C GLY A 54 -4.62 -7.29 -10.13
N GLU A 55 -4.19 -7.12 -8.88
CA GLU A 55 -4.16 -5.76 -8.32
C GLU A 55 -3.16 -4.84 -8.97
N MET A 56 -2.08 -5.37 -9.55
CA MET A 56 -1.09 -4.50 -10.17
C MET A 56 -1.58 -3.80 -11.43
N ALA A 57 -2.70 -4.21 -12.01
CA ALA A 57 -3.26 -3.48 -13.14
C ALA A 57 -3.88 -2.18 -12.68
N LEU A 58 -4.35 -2.15 -11.45
CA LEU A 58 -4.97 -0.93 -10.90
C LEU A 58 -3.99 0.06 -10.44
N ILE A 59 -2.76 -0.41 -10.23
CA ILE A 59 -1.74 0.43 -9.68
C ILE A 59 -0.87 0.93 -10.83
N ASP A 60 0.02 0.08 -11.30
CA ASP A 60 0.87 0.44 -12.41
C ASP A 60 0.09 0.43 -13.73
N ASN A 61 0.82 0.24 -14.81
CA ASN A 61 0.21 0.26 -16.12
C ASN A 61 0.82 -0.73 -17.08
N GLN A 62 1.10 -1.91 -16.54
CA GLN A 62 1.74 -2.94 -17.33
C GLN A 62 0.74 -4.09 -17.54
N ASN A 63 1.32 -5.22 -17.89
CA ASN A 63 0.58 -6.39 -18.21
C ASN A 63 0.61 -7.35 -17.07
N ARG A 64 -0.28 -8.31 -17.15
CA ARG A 64 -0.40 -9.30 -16.12
C ARG A 64 0.94 -10.00 -15.94
N SER A 65 1.42 -10.05 -14.71
CA SER A 65 2.66 -10.71 -14.38
C SER A 65 2.48 -12.21 -14.24
N ALA A 66 1.24 -12.65 -14.02
CA ALA A 66 0.93 -14.08 -13.90
C ALA A 66 -0.40 -14.44 -14.55
N SER A 67 -0.60 -15.74 -14.79
CA SER A 67 -1.85 -16.28 -15.29
C SER A 67 -2.72 -16.78 -14.14
N VAL A 68 -4.02 -16.80 -14.34
CA VAL A 68 -4.96 -17.18 -13.33
C VAL A 68 -6.04 -18.04 -13.95
N ARG A 69 -6.19 -19.23 -13.39
CA ARG A 69 -7.17 -20.18 -13.79
C ARG A 69 -8.12 -20.49 -12.62
N ALA A 70 -9.41 -20.62 -12.95
CA ALA A 70 -10.41 -21.00 -11.98
C ALA A 70 -10.29 -22.51 -11.67
N LEU A 71 -10.18 -22.86 -10.39
CA LEU A 71 -10.10 -24.27 -9.99
C LEU A 71 -11.48 -24.89 -9.78
N GLU A 72 -12.47 -24.01 -9.70
CA GLU A 72 -13.87 -24.34 -9.55
C GLU A 72 -14.67 -23.11 -10.09
N ASP A 73 -15.99 -23.19 -10.14
CA ASP A 73 -16.78 -22.09 -10.65
C ASP A 73 -16.48 -20.87 -9.78
N VAL A 74 -16.19 -19.71 -10.36
CA VAL A 74 -16.00 -18.56 -9.50
C VAL A 74 -16.99 -17.43 -9.77
N ARG A 75 -17.19 -16.59 -8.77
CA ARG A 75 -17.91 -15.35 -8.98
C ARG A 75 -16.95 -14.28 -8.52
N LEU A 76 -16.69 -13.31 -9.39
CA LEU A 76 -15.69 -12.31 -9.17
C LEU A 76 -16.32 -10.94 -9.19
N ALA A 77 -15.92 -10.12 -8.24
CA ALA A 77 -16.28 -8.70 -8.23
C ALA A 77 -15.19 -7.96 -9.02
N ILE A 78 -15.60 -7.12 -9.96
CA ILE A 78 -14.66 -6.39 -10.79
C ILE A 78 -14.32 -5.12 -10.06
N VAL A 79 -13.05 -4.91 -9.80
CA VAL A 79 -12.57 -3.66 -9.18
C VAL A 79 -11.93 -2.78 -10.27
N THR A 80 -12.41 -1.55 -10.45
CA THR A 80 -11.89 -0.62 -11.48
C THR A 80 -11.04 0.46 -10.84
N LYS A 81 -10.26 1.18 -11.65
CA LYS A 81 -9.49 2.33 -11.18
C LYS A 81 -10.38 3.40 -10.61
N GLN A 82 -11.55 3.57 -11.21
CA GLN A 82 -12.48 4.59 -10.78
C GLN A 82 -12.99 4.28 -9.37
N GLN A 83 -13.30 3.00 -9.12
CA GLN A 83 -13.84 2.61 -7.81
C GLN A 83 -12.84 2.79 -6.68
N VAL A 84 -11.59 2.48 -6.96
CA VAL A 84 -10.53 2.71 -6.03
C VAL A 84 -10.43 4.19 -5.63
N LEU A 85 -10.39 5.07 -6.61
CA LEU A 85 -10.37 6.50 -6.33
C LEU A 85 -11.56 6.94 -5.48
N GLU A 86 -12.73 6.45 -5.81
CA GLU A 86 -13.94 6.79 -5.08
C GLU A 86 -13.89 6.30 -3.65
N ARG A 87 -13.45 5.05 -3.43
CA ARG A 87 -13.37 4.46 -2.07
C ARG A 87 -12.31 5.09 -1.21
N VAL A 88 -11.16 5.35 -1.81
CA VAL A 88 -10.09 6.02 -1.10
C VAL A 88 -10.54 7.42 -0.66
N SER A 89 -11.30 8.12 -1.50
CA SER A 89 -11.68 9.49 -1.18
C SER A 89 -12.75 9.56 -0.05
N THR A 90 -13.53 8.49 0.11
CA THR A 90 -14.50 8.39 1.22
C THR A 90 -13.91 7.80 2.53
N ALA A 91 -12.69 7.26 2.45
CA ALA A 91 -12.05 6.60 3.57
C ALA A 91 -11.61 7.56 4.61
N ASP A 92 -11.24 6.96 5.74
CA ASP A 92 -10.63 7.62 6.91
C ASP A 92 -9.43 8.48 6.54
N LYS A 93 -9.23 9.62 7.18
CA LYS A 93 -8.09 10.51 6.78
C LYS A 93 -6.72 9.85 6.84
N VAL A 94 -6.47 9.09 7.90
CA VAL A 94 -5.19 8.44 8.08
C VAL A 94 -5.01 7.34 7.07
N VAL A 95 -6.06 6.58 6.81
CA VAL A 95 -6.02 5.53 5.80
C VAL A 95 -5.76 6.09 4.41
N GLN A 96 -6.38 7.22 4.08
CA GLN A 96 -6.09 7.95 2.86
C GLN A 96 -4.64 8.25 2.68
N LEU A 97 -4.05 8.94 3.66
CA LEU A 97 -2.64 9.36 3.56
C LEU A 97 -1.73 8.18 3.45
N LEU A 98 -2.08 7.10 4.11
CA LEU A 98 -1.23 5.96 4.08
C LEU A 98 -1.29 5.27 2.70
N MET A 99 -2.50 5.00 2.20
CA MET A 99 -2.73 4.46 0.85
C MET A 99 -2.01 5.29 -0.19
N ARG A 100 -2.18 6.60 -0.12
CA ARG A 100 -1.57 7.49 -1.08
C ARG A 100 -0.06 7.42 -1.10
N VAL A 101 0.62 7.32 0.05
CA VAL A 101 2.10 7.24 0.02
C VAL A 101 2.57 5.81 -0.30
N LEU A 102 1.77 4.81 0.05
CA LEU A 102 2.13 3.44 -0.27
C LEU A 102 1.96 3.20 -1.76
N LEU A 103 0.88 3.72 -2.33
CA LEU A 103 0.65 3.68 -3.78
C LEU A 103 1.78 4.37 -4.51
N LYS A 104 2.16 5.57 -4.12
CA LYS A 104 3.30 6.19 -4.76
C LYS A 104 4.57 5.31 -4.73
N ARG A 105 4.86 4.68 -3.58
CA ARG A 105 6.11 3.91 -3.43
C ARG A 105 6.13 2.68 -4.29
N LEU A 106 4.98 2.06 -4.35
CA LEU A 106 4.80 0.92 -5.23
C LEU A 106 4.85 1.16 -6.74
N ARG A 107 4.36 2.31 -7.18
CA ARG A 107 4.44 2.69 -8.58
C ARG A 107 5.89 2.53 -9.05
N ARG A 108 6.86 2.94 -8.21
CA ARG A 108 8.29 2.79 -8.54
C ARG A 108 9.10 2.29 -7.34
N ALA B 1 -5.62 6.09 23.08
CA ALA B 1 -5.41 7.57 23.22
C ALA B 1 -4.39 8.08 22.23
N ALA B 2 -4.84 8.81 21.22
CA ALA B 2 -3.93 9.33 20.19
C ALA B 2 -2.95 10.29 20.85
N GLN B 3 -1.71 10.33 20.39
CA GLN B 3 -0.68 11.12 21.05
C GLN B 3 0.00 12.00 20.03
N SER B 4 0.42 13.17 20.48
CA SER B 4 1.23 14.12 19.70
C SER B 4 2.49 14.55 20.46
N VAL B 5 3.53 14.92 19.74
CA VAL B 5 4.75 15.42 20.37
C VAL B 5 5.24 16.67 19.66
N ASP B 6 5.76 17.58 20.47
CA ASP B 6 6.30 18.85 20.01
C ASP B 6 7.78 18.66 19.83
N ILE B 7 8.29 19.04 18.68
CA ILE B 7 9.71 18.98 18.44
C ILE B 7 10.20 20.38 18.13
N HIS B 8 11.22 20.81 18.82
CA HIS B 8 11.76 22.13 18.61
C HIS B 8 12.54 22.24 17.32
N LYS B 9 12.55 23.44 16.82
CA LYS B 9 13.31 23.78 15.69
C LYS B 9 14.73 23.25 15.83
N ASP B 10 15.16 22.53 14.79
CA ASP B 10 16.51 21.94 14.63
C ASP B 10 16.77 20.59 15.27
N GLN B 11 15.79 20.10 16.03
CA GLN B 11 15.86 18.74 16.55
C GLN B 11 15.72 17.72 15.42
N ILE B 12 16.57 16.70 15.48
CA ILE B 12 16.50 15.57 14.60
C ILE B 12 15.43 14.64 15.15
N ILE B 13 14.43 14.38 14.34
CA ILE B 13 13.30 13.58 14.71
C ILE B 13 13.69 12.14 14.68
N PHE B 14 14.36 11.76 13.58
CA PHE B 14 15.07 10.49 13.52
C PHE B 14 16.17 10.52 12.47
N SER B 15 17.06 9.54 12.51
CA SER B 15 18.19 9.47 11.61
C SER B 15 18.25 8.20 10.77
N GLU B 16 18.80 8.35 9.56
CA GLU B 16 19.28 7.22 8.78
C GLU B 16 19.81 6.19 9.73
N GLY B 17 19.22 5.02 9.72
CA GLY B 17 19.82 3.90 10.44
C GLY B 17 19.08 3.57 11.71
N ASP B 18 18.34 4.51 12.27
CA ASP B 18 17.56 4.26 13.52
C ASP B 18 16.48 3.20 13.36
N ALA B 19 16.26 2.46 14.45
CA ALA B 19 15.15 1.54 14.55
C ALA B 19 13.93 2.39 14.67
N GLY B 20 12.81 2.02 14.05
CA GLY B 20 11.60 2.83 14.27
C GLY B 20 10.32 2.04 14.21
N ASP B 21 9.35 2.41 15.04
CA ASP B 21 8.12 1.63 15.16
C ASP B 21 6.85 2.36 14.76
N CYS B 22 6.97 3.65 14.48
CA CYS B 22 5.81 4.47 14.24
C CYS B 22 6.04 5.44 13.06
N ALA B 23 4.94 5.97 12.54
CA ALA B 23 5.01 7.01 11.51
C ALA B 23 4.48 8.31 12.14
N TYR B 24 4.66 9.43 11.43
CA TYR B 24 4.23 10.72 11.93
C TYR B 24 3.40 11.48 10.94
N ILE B 25 2.37 12.17 11.41
CA ILE B 25 1.65 13.14 10.60
C ILE B 25 1.90 14.55 11.17
N ILE B 26 2.28 15.48 10.29
CA ILE B 26 2.63 16.81 10.69
C ILE B 26 1.36 17.58 10.89
N GLU B 27 1.18 18.05 12.11
CA GLU B 27 0.08 18.91 12.49
C GLU B 27 0.50 20.36 12.49
N LYS B 28 1.78 20.62 12.69
CA LYS B 28 2.30 22.00 12.72
C LYS B 28 3.74 21.97 12.26
N GLY B 29 4.11 22.98 11.49
CA GLY B 29 5.49 23.24 11.14
C GLY B 29 5.90 22.50 9.87
N ARG B 30 7.22 22.30 9.73
CA ARG B 30 7.83 21.71 8.56
C ARG B 30 9.05 20.94 8.97
N VAL B 31 9.37 19.90 8.17
CA VAL B 31 10.53 19.05 8.38
C VAL B 31 11.24 18.84 7.06
N LEU B 32 12.54 18.61 7.14
CA LEU B 32 13.39 18.32 6.01
C LEU B 32 13.76 16.84 6.07
N ILE B 33 13.42 16.09 5.02
CA ILE B 33 13.98 14.78 4.85
C ILE B 33 15.34 14.97 4.19
N TYR B 34 16.39 14.42 4.78
CA TYR B 34 17.72 14.50 4.19
C TYR B 34 18.50 13.21 4.35
N LEU B 35 19.51 13.07 3.49
CA LEU B 35 20.58 12.12 3.67
C LEU B 35 21.83 12.90 4.04
N THR B 36 22.87 12.17 4.35
CA THR B 36 24.15 12.80 4.49
C THR B 36 25.22 11.83 3.93
N LYS B 37 26.14 12.38 3.12
CA LYS B 37 27.33 11.64 2.65
C LYS B 37 28.52 12.56 2.79
N ASP B 38 29.64 12.01 3.26
CA ASP B 38 30.86 12.78 3.47
C ASP B 38 30.67 13.95 4.43
N LYS B 39 29.80 13.81 5.45
CA LYS B 39 29.52 14.92 6.40
C LYS B 39 28.85 16.10 5.68
N GLU B 40 28.14 15.80 4.57
CA GLU B 40 27.49 16.80 3.71
C GLU B 40 25.99 16.53 3.67
N GLU B 41 25.21 17.52 4.09
CA GLU B 41 23.75 17.39 4.09
C GLU B 41 23.20 17.48 2.66
N ILE B 42 22.56 16.42 2.20
CA ILE B 42 21.93 16.48 0.89
C ILE B 42 20.41 16.39 1.08
N PRO B 43 19.73 17.54 1.06
CA PRO B 43 18.29 17.62 1.22
C PRO B 43 17.47 17.00 0.11
N LEU B 44 16.40 16.29 0.50
CA LEU B 44 15.53 15.67 -0.47
C LEU B 44 14.19 16.38 -0.55
N THR B 45 13.54 16.55 0.58
CA THR B 45 12.17 16.95 0.58
C THR B 45 11.86 17.74 1.81
N ILE B 46 10.93 18.69 1.63
CA ILE B 46 10.40 19.48 2.71
C ILE B 46 8.93 19.09 2.81
N LEU B 47 8.53 18.73 4.03
CA LEU B 47 7.19 18.28 4.28
C LEU B 47 6.59 19.23 5.29
N GLY B 48 5.29 19.47 5.17
CA GLY B 48 4.58 20.42 6.04
C GLY B 48 3.24 19.85 6.48
N GLU B 49 2.38 20.71 6.99
CA GLU B 49 1.10 20.28 7.59
C GLU B 49 0.33 19.32 6.72
N GLY B 50 -0.22 18.29 7.35
CA GLY B 50 -1.08 17.34 6.64
C GLY B 50 -0.36 16.15 6.06
N GLU B 51 0.97 16.16 6.11
CA GLU B 51 1.74 15.11 5.49
C GLU B 51 2.25 14.09 6.50
N ILE B 52 2.50 12.89 5.98
CA ILE B 52 2.98 11.75 6.73
C ILE B 52 4.38 11.44 6.30
N PHE B 53 5.21 11.01 7.25
CA PHE B 53 6.48 10.41 6.93
C PHE B 53 6.75 9.32 7.98
N GLY B 54 7.85 8.59 7.78
CA GLY B 54 8.22 7.47 8.61
C GLY B 54 7.34 6.26 8.30
N GLU B 55 6.60 6.28 7.19
CA GLU B 55 5.54 5.23 6.98
C GLU B 55 6.07 3.83 6.86
N MET B 56 7.33 3.64 6.42
CA MET B 56 7.88 2.27 6.28
C MET B 56 8.04 1.54 7.60
N ALA B 57 8.00 2.25 8.71
CA ALA B 57 8.11 1.58 9.99
C ALA B 57 6.83 0.81 10.32
N LEU B 58 5.70 1.24 9.74
CA LEU B 58 4.41 0.54 9.86
C LEU B 58 4.35 -0.70 8.95
N ILE B 59 5.23 -0.75 7.97
CA ILE B 59 5.27 -1.86 7.03
C ILE B 59 6.23 -2.99 7.45
N ASP B 60 7.50 -2.70 7.65
CA ASP B 60 8.46 -3.79 7.78
C ASP B 60 9.39 -3.72 8.96
N ASN B 61 9.38 -2.64 9.73
CA ASN B 61 10.39 -2.55 10.81
C ASN B 61 11.80 -3.00 10.38
N GLN B 62 12.30 -2.28 9.38
CA GLN B 62 13.70 -2.17 9.10
C GLN B 62 13.91 -0.71 9.40
N ASN B 63 15.14 -0.25 9.30
CA ASN B 63 15.53 1.00 9.91
C ASN B 63 15.20 2.15 8.98
N ARG B 64 15.23 3.35 9.54
CA ARG B 64 14.93 4.55 8.79
C ARG B 64 15.91 4.70 7.63
N SER B 65 15.38 4.95 6.44
CA SER B 65 16.18 5.11 5.23
C SER B 65 16.69 6.53 5.04
N ALA B 66 16.05 7.47 5.73
CA ALA B 66 16.50 8.87 5.69
C ALA B 66 16.39 9.50 7.07
N SER B 67 17.07 10.64 7.22
CA SER B 67 16.98 11.46 8.43
C SER B 67 15.98 12.61 8.26
N VAL B 68 15.40 13.05 9.36
CA VAL B 68 14.37 14.06 9.33
C VAL B 68 14.64 15.03 10.46
N ARG B 69 14.78 16.30 10.09
CA ARG B 69 15.03 17.36 11.04
C ARG B 69 13.88 18.37 10.95
N ALA B 70 13.48 18.91 12.09
CA ALA B 70 12.49 19.98 12.15
C ALA B 70 13.14 21.29 11.73
N LEU B 71 12.53 21.97 10.79
CA LEU B 71 13.05 23.29 10.31
C LEU B 71 12.55 24.45 11.14
N GLU B 72 11.54 24.14 11.93
CA GLU B 72 10.87 25.09 12.78
C GLU B 72 10.16 24.23 13.83
N ASP B 73 9.48 24.84 14.77
CA ASP B 73 8.85 24.07 15.82
C ASP B 73 7.78 23.18 15.20
N VAL B 74 7.77 21.88 15.49
CA VAL B 74 6.74 21.04 14.90
C VAL B 74 5.87 20.39 15.93
N ARG B 75 4.68 20.00 15.51
CA ARG B 75 3.89 19.11 16.33
C ARG B 75 3.53 17.98 15.43
N LEU B 76 3.81 16.78 15.91
CA LEU B 76 3.57 15.56 15.14
C LEU B 76 2.60 14.67 15.83
N ALA B 77 1.68 14.09 15.05
CA ALA B 77 0.80 13.04 15.53
C ALA B 77 1.50 11.72 15.34
N ILE B 78 1.50 10.88 16.37
CA ILE B 78 2.14 9.59 16.28
C ILE B 78 1.15 8.60 15.68
N VAL B 79 1.55 7.92 14.61
CA VAL B 79 0.77 6.85 14.00
C VAL B 79 1.37 5.49 14.34
N THR B 80 0.59 4.64 15.00
CA THR B 80 1.13 3.37 15.49
C THR B 80 0.57 2.25 14.64
N LYS B 81 1.21 1.09 14.72
CA LYS B 81 0.69 -0.09 14.00
C LYS B 81 -0.70 -0.43 14.47
N GLN B 82 -0.96 -0.24 15.74
CA GLN B 82 -2.25 -0.61 16.31
C GLN B 82 -3.37 0.25 15.75
N GLN B 83 -3.10 1.54 15.59
CA GLN B 83 -4.10 2.45 15.06
C GLN B 83 -4.46 2.17 13.61
N VAL B 84 -3.43 1.84 12.84
CA VAL B 84 -3.63 1.47 11.46
C VAL B 84 -4.54 0.26 11.38
N LEU B 85 -4.23 -0.78 12.15
CA LEU B 85 -5.04 -2.00 12.15
C LEU B 85 -6.49 -1.73 12.50
N GLU B 86 -6.70 -0.88 13.49
CA GLU B 86 -8.04 -0.56 13.92
C GLU B 86 -8.81 0.16 12.82
N ARG B 87 -8.18 1.14 12.20
CA ARG B 87 -8.84 1.92 11.14
C ARG B 87 -9.06 1.09 9.87
N VAL B 88 -8.08 0.27 9.54
CA VAL B 88 -8.19 -0.64 8.40
C VAL B 88 -9.33 -1.65 8.61
N SER B 89 -9.53 -2.10 9.84
CA SER B 89 -10.54 -3.12 10.08
C SER B 89 -11.98 -2.56 10.00
N THR B 90 -12.15 -1.25 10.23
CA THR B 90 -13.47 -0.60 10.09
C THR B 90 -13.75 -0.10 8.65
N ALA B 91 -12.71 -0.08 7.83
CA ALA B 91 -12.74 0.50 6.50
C ALA B 91 -13.53 -0.34 5.54
N ASP B 92 -13.77 0.28 4.40
CA ASP B 92 -14.38 -0.32 3.22
C ASP B 92 -13.71 -1.63 2.81
N LYS B 93 -14.45 -2.60 2.33
CA LYS B 93 -13.82 -3.87 1.93
C LYS B 93 -12.66 -3.71 0.90
N VAL B 94 -12.88 -2.90 -0.12
CA VAL B 94 -11.89 -2.73 -1.17
C VAL B 94 -10.64 -2.01 -0.66
N VAL B 95 -10.86 -1.00 0.17
CA VAL B 95 -9.74 -0.32 0.81
C VAL B 95 -8.93 -1.27 1.71
N GLN B 96 -9.60 -2.12 2.46
CA GLN B 96 -8.94 -3.15 3.25
C GLN B 96 -8.03 -4.03 2.43
N LEU B 97 -8.58 -4.66 1.39
CA LEU B 97 -7.80 -5.54 0.54
C LEU B 97 -6.62 -4.83 -0.09
N LEU B 98 -6.80 -3.57 -0.40
CA LEU B 98 -5.77 -2.85 -1.08
C LEU B 98 -4.62 -2.54 -0.15
N MET B 99 -4.96 -2.00 1.02
CA MET B 99 -3.97 -1.81 2.10
C MET B 99 -3.17 -3.09 2.34
N ARG B 100 -3.89 -4.18 2.49
CA ARG B 100 -3.24 -5.42 2.81
C ARG B 100 -2.28 -5.87 1.73
N VAL B 101 -2.55 -5.63 0.45
CA VAL B 101 -1.56 -6.04 -0.55
C VAL B 101 -0.43 -5.03 -0.68
N LEU B 102 -0.68 -3.77 -0.39
CA LEU B 102 0.44 -2.82 -0.33
C LEU B 102 1.47 -3.19 0.75
N LEU B 103 0.98 -3.47 1.95
CA LEU B 103 1.81 -4.02 3.03
C LEU B 103 2.56 -5.27 2.60
N LYS B 104 1.88 -6.23 1.98
CA LYS B 104 2.56 -7.43 1.45
C LYS B 104 3.72 -7.08 0.49
N ARG B 105 3.48 -6.16 -0.44
CA ARG B 105 4.44 -5.96 -1.51
C ARG B 105 5.60 -5.09 -1.09
N LEU B 106 5.37 -4.13 -0.21
CA LEU B 106 6.43 -3.20 0.17
C LEU B 106 7.38 -3.77 1.26
N ARG B 107 7.07 -4.92 1.86
CA ARG B 107 8.04 -5.57 2.75
C ARG B 107 9.30 -6.03 1.98
#